data_2GEQ
#
_entry.id   2GEQ
#
_cell.length_a   44.755
_cell.length_b   94.290
_cell.length_c   119.822
_cell.angle_alpha   90.00
_cell.angle_beta   90.00
_cell.angle_gamma   90.00
#
_symmetry.space_group_name_H-M   'P 21 21 21'
#
loop_
_entity.id
_entity.type
_entity.pdbx_description
1 polymer "5'-D(*GP*CP*GP*TP*GP*AP*GP*CP*AP*TP*GP*CP*TP*CP*AP*C)-3'"
2 polymer 'Cellular tumor antigen p53'
3 non-polymer 'ZINC ION'
4 non-polymer 2-AMINO-2-HYDROXYMETHYL-PROPANE-1,3-DIOL
5 water water
#
loop_
_entity_poly.entity_id
_entity_poly.type
_entity_poly.pdbx_seq_one_letter_code
_entity_poly.pdbx_strand_id
1 'polydeoxyribonucleotide' (DG)(DC)(DG)(DT)(DG)(DA)(DG)(DC)(DA)(DT)(DG)(DC)(DT)(DC)(DA)(DC) C,D
2 'polypeptide(L)'
;SFVPSQKTYQGNYGFHLGFLQSGTAKSVMCTYSPPLNKLFCQLAKTCPVQLWVSATPPAGSRVRAMAIYKKSQHMTEVVR
RCPHHERCSDGDGLAPPQHLIRVEGNLYPEYLEDRQTFRHSVVVPYEPPEAGSEYTTIHYKYMCNSSCMGGMNRRPILTI
ITLEDSSGNLLGRDSFEVRVCACPGRDRRTEEENFRKKEVL
;
A,B
#
loop_
_chem_comp.id
_chem_comp.type
_chem_comp.name
_chem_comp.formula
DA DNA linking 2'-DEOXYADENOSINE-5'-MONOPHOSPHATE 'C10 H14 N5 O6 P'
DC DNA linking 2'-DEOXYCYTIDINE-5'-MONOPHOSPHATE 'C9 H14 N3 O7 P'
DG DNA linking 2'-DEOXYGUANOSINE-5'-MONOPHOSPHATE 'C10 H14 N5 O7 P'
DT DNA linking THYMIDINE-5'-MONOPHOSPHATE 'C10 H15 N2 O8 P'
TRS non-polymer 2-AMINO-2-HYDROXYMETHYL-PROPANE-1,3-DIOL 'C4 H12 N O3 1'
ZN non-polymer 'ZINC ION' 'Zn 2'
#
# COMPACT_ATOMS: atom_id res chain seq x y z
N GLN C 6 5.04 -20.99 -17.58
CA GLN C 6 6.29 -21.80 -17.66
C GLN C 6 5.99 -23.20 -18.20
N LYS C 7 7.04 -23.94 -18.52
CA LYS C 7 6.91 -25.29 -19.03
C LYS C 7 7.14 -26.35 -17.95
N THR C 8 6.22 -27.30 -17.87
CA THR C 8 6.30 -28.37 -16.88
C THR C 8 7.35 -29.41 -17.25
N TYR C 9 7.70 -30.24 -16.26
CA TYR C 9 8.65 -31.31 -16.46
C TYR C 9 8.27 -32.41 -15.48
N GLN C 10 7.41 -33.34 -15.91
CA GLN C 10 7.03 -34.43 -15.02
C GLN C 10 8.25 -35.25 -14.62
N GLY C 11 9.26 -35.29 -15.50
CA GLY C 11 10.47 -36.03 -15.20
C GLY C 11 10.26 -37.53 -15.09
N ASN C 12 11.21 -38.18 -14.43
CA ASN C 12 11.19 -39.64 -14.25
C ASN C 12 10.24 -40.19 -13.18
N TYR C 13 9.66 -39.32 -12.36
CA TYR C 13 8.75 -39.75 -11.31
C TYR C 13 7.33 -39.29 -11.56
N GLY C 14 7.08 -38.81 -12.77
CA GLY C 14 5.75 -38.35 -13.14
C GLY C 14 5.17 -37.35 -12.16
N PHE C 15 5.98 -36.34 -11.83
CA PHE C 15 5.59 -35.28 -10.89
C PHE C 15 4.65 -34.23 -11.48
N HIS C 16 3.53 -33.99 -10.80
CA HIS C 16 2.57 -32.98 -11.21
C HIS C 16 1.69 -32.58 -10.02
N LEU C 17 1.07 -31.41 -10.11
CA LEU C 17 0.21 -30.91 -9.05
C LEU C 17 -1.24 -31.27 -9.25
N GLY C 18 -2.01 -31.15 -8.18
CA GLY C 18 -3.43 -31.42 -8.21
C GLY C 18 -4.09 -30.48 -7.22
N PHE C 19 -5.32 -30.08 -7.48
CA PHE C 19 -5.98 -29.16 -6.55
C PHE C 19 -7.34 -29.64 -6.11
N LEU C 20 -7.69 -29.36 -4.85
CA LEU C 20 -8.99 -29.75 -4.32
C LEU C 20 -10.02 -28.90 -5.02
N GLN C 21 -11.12 -29.53 -5.41
CA GLN C 21 -12.18 -28.85 -6.13
C GLN C 21 -13.14 -27.97 -5.33
N SER C 22 -13.66 -26.94 -6.01
CA SER C 22 -14.63 -25.96 -5.49
C SER C 22 -14.61 -24.70 -6.35
N VAL C 28 -15.37 -17.49 -1.39
CA VAL C 28 -14.41 -18.46 -0.83
C VAL C 28 -13.11 -17.79 -0.37
N MET C 29 -12.15 -18.59 0.05
CA MET C 29 -10.85 -18.07 0.48
C MET C 29 -9.73 -18.65 -0.38
N CYS C 30 -10.06 -19.68 -1.14
CA CYS C 30 -9.13 -20.34 -2.03
C CYS C 30 -9.92 -21.16 -3.04
N THR C 31 -9.61 -21.01 -4.32
CA THR C 31 -10.33 -21.74 -5.34
C THR C 31 -9.48 -21.83 -6.60
N TYR C 32 -9.42 -23.03 -7.18
CA TYR C 32 -8.62 -23.29 -8.35
C TYR C 32 -9.43 -23.47 -9.61
N SER C 33 -9.03 -22.76 -10.67
CA SER C 33 -9.70 -22.85 -11.98
C SER C 33 -8.89 -23.70 -12.97
N PRO C 34 -9.37 -24.92 -13.28
CA PRO C 34 -8.70 -25.82 -14.22
C PRO C 34 -8.44 -25.28 -15.63
N PRO C 35 -9.49 -24.85 -16.34
CA PRO C 35 -9.29 -24.35 -17.70
C PRO C 35 -8.26 -23.23 -17.81
N LEU C 36 -8.04 -22.54 -16.69
CA LEU C 36 -7.07 -21.46 -16.64
C LEU C 36 -5.79 -21.92 -15.93
N ASN C 37 -5.91 -22.98 -15.11
CA ASN C 37 -4.81 -23.50 -14.30
C ASN C 37 -4.30 -22.34 -13.49
N LYS C 38 -5.22 -21.70 -12.80
CA LYS C 38 -4.90 -20.55 -11.99
C LYS C 38 -5.57 -20.67 -10.65
N LEU C 39 -4.83 -20.33 -9.60
CA LEU C 39 -5.30 -20.39 -8.22
C LEU C 39 -5.77 -19.01 -7.77
N PHE C 40 -6.96 -18.93 -7.19
CA PHE C 40 -7.48 -17.66 -6.70
C PHE C 40 -7.61 -17.80 -5.18
N CYS C 41 -7.00 -16.90 -4.43
CA CYS C 41 -7.05 -17.00 -2.97
C CYS C 41 -6.89 -15.67 -2.26
N GLN C 42 -7.29 -15.66 -0.99
CA GLN C 42 -7.19 -14.45 -0.17
C GLN C 42 -5.84 -14.35 0.53
N LEU C 43 -5.46 -13.12 0.89
CA LEU C 43 -4.20 -12.87 1.56
C LEU C 43 -4.09 -13.68 2.83
N ALA C 44 -2.94 -14.33 2.99
CA ALA C 44 -2.59 -15.14 4.15
C ALA C 44 -3.46 -16.36 4.40
N LYS C 45 -4.28 -16.75 3.43
CA LYS C 45 -5.12 -17.92 3.59
C LYS C 45 -4.44 -19.16 3.06
N THR C 46 -4.56 -20.26 3.80
CA THR C 46 -3.94 -21.49 3.40
C THR C 46 -4.56 -22.15 2.17
N CYS C 47 -3.70 -22.55 1.25
CA CYS C 47 -4.13 -23.21 0.02
C CYS C 47 -3.43 -24.56 -0.05
N PRO C 48 -4.20 -25.66 -0.03
CA PRO C 48 -3.57 -26.98 -0.09
C PRO C 48 -3.21 -27.32 -1.54
N VAL C 49 -1.97 -27.77 -1.77
CA VAL C 49 -1.56 -28.17 -3.10
C VAL C 49 -1.13 -29.63 -3.03
N GLN C 50 -1.68 -30.46 -3.92
CA GLN C 50 -1.37 -31.88 -3.95
C GLN C 50 -0.17 -32.22 -4.83
N LEU C 51 0.70 -33.08 -4.31
CA LEU C 51 1.87 -33.52 -5.04
C LEU C 51 1.66 -34.96 -5.44
N TRP C 52 1.67 -35.23 -6.75
CA TRP C 52 1.49 -36.58 -7.27
C TRP C 52 2.74 -37.07 -7.97
N VAL C 53 3.07 -38.34 -7.77
CA VAL C 53 4.21 -38.95 -8.44
C VAL C 53 3.78 -40.34 -8.90
N SER C 54 4.41 -40.86 -9.94
CA SER C 54 4.07 -42.18 -10.43
C SER C 54 5.05 -43.15 -9.82
N ALA C 55 6.19 -42.63 -9.37
CA ALA C 55 7.22 -43.44 -8.73
C ALA C 55 7.81 -42.62 -7.59
N THR C 56 8.08 -43.29 -6.47
CA THR C 56 8.64 -42.66 -5.27
C THR C 56 10.03 -42.06 -5.49
N PRO C 57 10.16 -40.74 -5.27
CA PRO C 57 11.45 -40.05 -5.45
C PRO C 57 12.48 -40.56 -4.47
N PRO C 58 13.77 -40.46 -4.81
CA PRO C 58 14.81 -40.94 -3.90
C PRO C 58 14.71 -40.25 -2.54
N ALA C 59 15.27 -40.88 -1.51
CA ALA C 59 15.25 -40.32 -0.17
C ALA C 59 15.95 -38.98 -0.15
N GLY C 60 15.47 -38.07 0.69
CA GLY C 60 16.08 -36.76 0.79
C GLY C 60 15.66 -35.77 -0.29
N SER C 61 14.61 -36.11 -1.03
CA SER C 61 14.14 -35.23 -2.09
C SER C 61 13.47 -34.03 -1.42
N ARG C 62 13.49 -32.90 -2.12
CA ARG C 62 12.92 -31.68 -1.59
C ARG C 62 11.90 -31.08 -2.52
N VAL C 63 10.98 -30.29 -1.96
CA VAL C 63 9.94 -29.62 -2.73
C VAL C 63 10.11 -28.12 -2.51
N ARG C 64 10.31 -27.39 -3.61
CA ARG C 64 10.52 -25.95 -3.54
C ARG C 64 9.39 -25.19 -4.21
N ALA C 65 9.01 -24.06 -3.63
CA ALA C 65 7.95 -23.21 -4.18
C ALA C 65 8.54 -21.83 -4.43
N MET C 66 8.25 -21.26 -5.59
CA MET C 66 8.79 -19.96 -5.93
C MET C 66 7.84 -19.20 -6.83
N ALA C 67 7.83 -17.88 -6.72
CA ALA C 67 6.95 -17.07 -7.55
C ALA C 67 7.76 -16.25 -8.55
N ILE C 68 7.22 -16.10 -9.76
CA ILE C 68 7.86 -15.30 -10.81
C ILE C 68 6.75 -14.60 -11.57
N TYR C 69 7.02 -13.40 -12.07
CA TYR C 69 5.99 -12.70 -12.82
C TYR C 69 5.76 -13.41 -14.14
N LYS C 70 4.49 -13.55 -14.49
CA LYS C 70 4.08 -14.21 -15.70
C LYS C 70 4.51 -13.50 -16.98
N LYS C 71 4.13 -12.23 -17.11
CA LYS C 71 4.46 -11.43 -18.30
C LYS C 71 5.98 -11.34 -18.49
N SER C 72 6.41 -11.68 -19.70
CA SER C 72 7.83 -11.67 -20.07
C SER C 72 8.63 -10.44 -19.65
N GLN C 73 8.04 -9.26 -19.81
CA GLN C 73 8.73 -8.02 -19.45
C GLN C 73 8.97 -7.81 -17.96
N HIS C 74 8.34 -8.64 -17.13
CA HIS C 74 8.50 -8.52 -15.69
C HIS C 74 9.22 -9.72 -15.09
N MET C 75 9.38 -10.75 -15.91
CA MET C 75 10.02 -12.00 -15.51
C MET C 75 11.34 -11.90 -14.73
N THR C 76 12.19 -10.93 -15.07
CA THR C 76 13.47 -10.77 -14.39
C THR C 76 13.35 -10.11 -13.01
N GLU C 77 12.20 -9.49 -12.74
CA GLU C 77 11.98 -8.83 -11.46
C GLU C 77 11.58 -9.84 -10.39
N VAL C 78 12.29 -9.79 -9.27
CA VAL C 78 12.02 -10.68 -8.16
C VAL C 78 10.68 -10.33 -7.53
N VAL C 79 9.88 -11.35 -7.27
CA VAL C 79 8.57 -11.19 -6.64
C VAL C 79 8.81 -11.14 -5.12
N ARG C 80 8.39 -10.05 -4.50
CA ARG C 80 8.57 -9.89 -3.06
C ARG C 80 7.37 -9.16 -2.49
N ARG C 81 7.25 -9.15 -1.16
CA ARG C 81 6.13 -8.47 -0.53
C ARG C 81 6.27 -6.97 -0.68
N CYS C 82 5.13 -6.29 -0.68
CA CYS C 82 5.09 -4.84 -0.80
C CYS C 82 5.62 -4.22 0.49
N PRO C 83 6.06 -2.96 0.44
CA PRO C 83 6.57 -2.34 1.66
C PRO C 83 5.61 -2.31 2.87
N HIS C 84 4.31 -2.24 2.63
CA HIS C 84 3.37 -2.22 3.76
C HIS C 84 3.32 -3.54 4.51
N HIS C 85 3.07 -4.63 3.78
CA HIS C 85 2.99 -5.94 4.43
C HIS C 85 4.33 -6.43 4.94
N GLU C 86 5.42 -5.98 4.31
CA GLU C 86 6.74 -6.38 4.74
C GLU C 86 7.03 -5.91 6.17
N ARG C 87 6.35 -4.85 6.59
CA ARG C 87 6.51 -4.31 7.95
C ARG C 87 5.25 -4.43 8.81
N CYS C 88 4.24 -5.18 8.35
CA CYS C 88 3.01 -5.30 9.12
C CYS C 88 3.05 -6.27 10.29
N SER C 89 4.25 -6.68 10.68
CA SER C 89 4.43 -7.58 11.83
C SER C 89 3.45 -8.76 11.90
N ASP C 90 3.59 -9.70 10.98
CA ASP C 90 2.73 -10.88 10.94
C ASP C 90 3.59 -12.09 10.65
N GLY C 91 4.84 -12.04 11.10
CA GLY C 91 5.76 -13.14 10.88
C GLY C 91 5.44 -14.34 11.75
N ASP C 92 5.91 -15.51 11.33
CA ASP C 92 5.68 -16.73 12.09
C ASP C 92 6.96 -17.12 12.83
N GLY C 93 7.94 -16.22 12.77
CA GLY C 93 9.21 -16.47 13.42
C GLY C 93 10.14 -17.31 12.57
N LEU C 94 9.71 -17.68 11.37
CA LEU C 94 10.54 -18.51 10.48
C LEU C 94 10.80 -17.86 9.12
N ALA C 95 9.74 -17.34 8.51
CA ALA C 95 9.85 -16.72 7.21
C ALA C 95 10.31 -15.27 7.28
N PRO C 96 11.29 -14.89 6.45
CA PRO C 96 11.77 -13.50 6.44
C PRO C 96 10.58 -12.66 5.98
N PRO C 97 10.44 -11.45 6.54
CA PRO C 97 9.32 -10.57 6.18
C PRO C 97 9.07 -10.26 4.70
N GLN C 98 10.11 -10.26 3.89
CA GLN C 98 9.95 -9.95 2.46
C GLN C 98 9.48 -11.09 1.58
N HIS C 99 9.34 -12.27 2.16
CA HIS C 99 8.88 -13.44 1.42
C HIS C 99 7.38 -13.44 1.22
N LEU C 100 6.97 -13.63 -0.04
CA LEU C 100 5.57 -13.66 -0.39
C LEU C 100 4.95 -15.02 -0.02
N ILE C 101 5.61 -16.10 -0.43
CA ILE C 101 5.14 -17.46 -0.17
C ILE C 101 5.64 -18.08 1.12
N ARG C 102 4.69 -18.63 1.89
CA ARG C 102 4.99 -19.30 3.15
C ARG C 102 4.31 -20.65 3.15
N VAL C 103 4.89 -21.58 3.90
CA VAL C 103 4.36 -22.92 4.04
C VAL C 103 3.73 -23.01 5.43
N GLU C 104 2.59 -23.68 5.52
CA GLU C 104 1.91 -23.82 6.79
C GLU C 104 1.81 -25.30 7.13
N GLY C 105 1.92 -25.61 8.41
CA GLY C 105 1.79 -26.99 8.85
C GLY C 105 3.00 -27.87 8.59
N ASN C 106 4.17 -27.26 8.42
CA ASN C 106 5.39 -28.04 8.20
C ASN C 106 6.45 -27.54 9.16
N LEU C 107 7.13 -28.49 9.84
CA LEU C 107 8.16 -28.16 10.81
C LEU C 107 9.53 -27.86 10.25
N TYR C 108 9.77 -28.27 9.01
CA TYR C 108 11.05 -27.99 8.38
C TYR C 108 10.78 -27.24 7.10
N PRO C 109 10.43 -25.96 7.22
CA PRO C 109 10.57 -25.09 6.05
C PRO C 109 11.92 -24.39 6.01
N GLU C 110 12.39 -24.13 4.80
CA GLU C 110 13.65 -23.43 4.59
C GLU C 110 13.35 -22.26 3.66
N TYR C 111 13.57 -21.04 4.15
CA TYR C 111 13.33 -19.85 3.33
C TYR C 111 14.66 -19.42 2.77
N LEU C 112 14.77 -19.51 1.46
CA LEU C 112 16.02 -19.22 0.79
C LEU C 112 15.95 -18.05 -0.17
N GLU C 113 17.12 -17.57 -0.53
CA GLU C 113 17.23 -16.49 -1.50
C GLU C 113 18.41 -16.88 -2.38
N ASP C 114 18.16 -17.00 -3.68
CA ASP C 114 19.22 -17.37 -4.61
C ASP C 114 20.29 -16.29 -4.57
N ARG C 115 21.56 -16.70 -4.48
CA ARG C 115 22.68 -15.74 -4.40
C ARG C 115 22.94 -15.05 -5.73
N GLN C 116 22.53 -15.69 -6.82
CA GLN C 116 22.71 -15.11 -8.13
C GLN C 116 21.51 -14.29 -8.58
N THR C 117 20.32 -14.91 -8.60
CA THR C 117 19.10 -14.21 -9.03
C THR C 117 18.39 -13.42 -7.94
N PHE C 118 18.66 -13.76 -6.68
CA PHE C 118 18.05 -13.10 -5.53
C PHE C 118 16.58 -13.41 -5.36
N ARG C 119 16.11 -14.46 -6.04
CA ARG C 119 14.72 -14.87 -5.96
C ARG C 119 14.49 -15.62 -4.66
N HIS C 120 13.31 -15.42 -4.07
CA HIS C 120 12.94 -16.08 -2.83
C HIS C 120 12.28 -17.41 -3.17
N SER C 121 12.35 -18.35 -2.23
CA SER C 121 11.71 -19.64 -2.38
C SER C 121 11.63 -20.25 -1.00
N VAL C 122 10.69 -21.18 -0.82
CA VAL C 122 10.54 -21.87 0.45
C VAL C 122 10.62 -23.35 0.08
N VAL C 123 11.54 -24.06 0.73
CA VAL C 123 11.70 -25.48 0.47
C VAL C 123 11.24 -26.29 1.67
N VAL C 124 10.71 -27.46 1.37
CA VAL C 124 10.20 -28.37 2.38
C VAL C 124 10.61 -29.77 1.90
N PRO C 125 10.83 -30.72 2.84
CA PRO C 125 11.23 -32.07 2.41
C PRO C 125 10.09 -32.74 1.68
N TYR C 126 10.40 -33.64 0.75
CA TYR C 126 9.34 -34.36 0.07
C TYR C 126 8.95 -35.50 1.03
N GLU C 127 7.65 -35.73 1.18
CA GLU C 127 7.17 -36.81 2.05
C GLU C 127 6.17 -37.61 1.23
N PRO C 128 6.30 -38.94 1.21
CA PRO C 128 5.38 -39.80 0.46
C PRO C 128 3.95 -39.66 0.98
N PRO C 129 2.95 -40.04 0.17
CA PRO C 129 1.57 -39.92 0.63
C PRO C 129 1.31 -40.72 1.90
N GLU C 130 0.35 -40.27 2.70
CA GLU C 130 0.00 -40.98 3.92
C GLU C 130 -0.66 -42.31 3.51
N ALA C 131 -1.08 -43.10 4.49
CA ALA C 131 -1.73 -44.37 4.18
C ALA C 131 -3.15 -44.13 3.65
N GLY C 132 -3.46 -44.77 2.52
CA GLY C 132 -4.77 -44.64 1.90
C GLY C 132 -4.86 -43.53 0.85
N SER C 133 -3.79 -42.75 0.72
CA SER C 133 -3.76 -41.61 -0.21
C SER C 133 -2.78 -41.77 -1.38
N GLU C 134 -3.11 -41.10 -2.48
CA GLU C 134 -2.33 -41.12 -3.74
C GLU C 134 -1.41 -39.91 -3.91
N TYR C 135 -1.55 -38.95 -3.01
CA TYR C 135 -0.78 -37.72 -3.09
C TYR C 135 -0.41 -37.24 -1.70
N THR C 136 0.42 -36.21 -1.64
CA THR C 136 0.81 -35.63 -0.37
C THR C 136 0.43 -34.18 -0.52
N THR C 137 -0.05 -33.57 0.56
CA THR C 137 -0.47 -32.19 0.53
C THR C 137 0.51 -31.24 1.21
N ILE C 138 0.61 -30.05 0.64
CA ILE C 138 1.45 -29.01 1.18
C ILE C 138 0.53 -27.80 1.23
N HIS C 139 0.63 -27.04 2.31
CA HIS C 139 -0.21 -25.86 2.50
C HIS C 139 0.59 -24.58 2.31
N TYR C 140 0.24 -23.80 1.30
CA TYR C 140 0.93 -22.55 1.01
C TYR C 140 0.09 -21.32 1.34
N LYS C 141 0.77 -20.23 1.65
CA LYS C 141 0.12 -18.97 1.95
C LYS C 141 0.81 -17.88 1.16
N TYR C 142 0.05 -16.92 0.65
CA TYR C 142 0.63 -15.81 -0.08
C TYR C 142 0.36 -14.61 0.83
N MET C 143 1.43 -13.89 1.17
CA MET C 143 1.34 -12.78 2.10
C MET C 143 1.16 -11.35 1.56
N CYS C 144 0.64 -11.25 0.34
CA CYS C 144 0.39 -9.97 -0.32
C CYS C 144 -0.65 -10.21 -1.42
N ASN C 145 -1.47 -9.21 -1.72
CA ASN C 145 -2.44 -9.34 -2.80
C ASN C 145 -1.71 -9.03 -4.08
N SER C 146 -2.23 -9.53 -5.20
CA SER C 146 -1.60 -9.26 -6.48
C SER C 146 -1.60 -7.75 -6.73
N SER C 147 -2.54 -7.06 -6.09
CA SER C 147 -2.66 -5.62 -6.28
C SER C 147 -1.86 -4.71 -5.37
N CYS C 148 -1.15 -5.26 -4.38
CA CYS C 148 -0.35 -4.41 -3.48
C CYS C 148 0.63 -3.54 -4.23
N MET C 149 0.59 -2.24 -3.97
CA MET C 149 1.50 -1.29 -4.62
C MET C 149 2.88 -1.37 -3.99
N GLY C 150 3.91 -1.37 -4.83
CA GLY C 150 5.27 -1.46 -4.34
C GLY C 150 5.67 -2.93 -4.28
N GLY C 151 4.74 -3.79 -4.67
CA GLY C 151 4.97 -5.22 -4.67
C GLY C 151 4.56 -5.78 -6.02
N MET C 152 3.66 -6.75 -6.03
CA MET C 152 3.22 -7.33 -7.30
C MET C 152 2.56 -6.29 -8.19
N ASN C 153 2.00 -5.25 -7.56
CA ASN C 153 1.41 -4.15 -8.31
C ASN C 153 0.43 -4.57 -9.42
N ARG C 154 -0.50 -5.46 -9.13
CA ARG C 154 -1.49 -5.91 -10.10
C ARG C 154 -0.95 -6.82 -11.21
N ARG C 155 0.33 -7.16 -11.14
CA ARG C 155 0.98 -8.05 -12.10
C ARG C 155 0.76 -9.50 -11.71
N PRO C 156 0.24 -10.32 -12.65
CA PRO C 156 0.02 -11.74 -12.33
C PRO C 156 1.34 -12.49 -12.20
N ILE C 157 1.34 -13.51 -11.36
CA ILE C 157 2.53 -14.31 -11.14
C ILE C 157 2.22 -15.78 -11.37
N LEU C 158 3.29 -16.57 -11.43
CA LEU C 158 3.19 -18.01 -11.58
C LEU C 158 3.90 -18.56 -10.35
N THR C 159 3.41 -19.66 -9.79
CA THR C 159 4.10 -20.29 -8.67
C THR C 159 4.69 -21.55 -9.30
N ILE C 160 6.00 -21.70 -9.17
CA ILE C 160 6.73 -22.84 -9.69
C ILE C 160 7.05 -23.80 -8.56
N ILE C 161 6.52 -25.00 -8.66
CA ILE C 161 6.77 -26.04 -7.65
C ILE C 161 7.73 -27.05 -8.27
N THR C 162 8.90 -27.22 -7.67
CA THR C 162 9.87 -28.15 -8.21
C THR C 162 10.24 -29.23 -7.21
N LEU C 163 10.38 -30.44 -7.73
CA LEU C 163 10.80 -31.57 -6.94
C LEU C 163 12.29 -31.64 -7.25
N GLU C 164 13.14 -31.59 -6.23
CA GLU C 164 14.57 -31.63 -6.45
C GLU C 164 15.16 -32.73 -5.57
N ASP C 165 16.33 -33.23 -5.93
CA ASP C 165 16.94 -34.25 -5.10
C ASP C 165 17.78 -33.56 -4.00
N SER C 166 18.32 -34.35 -3.08
CA SER C 166 19.11 -33.80 -1.98
C SER C 166 20.17 -32.80 -2.45
N SER C 167 20.66 -32.97 -3.67
CA SER C 167 21.69 -32.10 -4.23
C SER C 167 21.13 -30.85 -4.89
N GLY C 168 19.81 -30.72 -4.91
CA GLY C 168 19.22 -29.55 -5.52
C GLY C 168 19.01 -29.69 -7.01
N ASN C 169 19.17 -30.91 -7.52
CA ASN C 169 18.98 -31.15 -8.94
C ASN C 169 17.50 -31.25 -9.23
N LEU C 170 17.11 -30.77 -10.40
CA LEU C 170 15.72 -30.82 -10.83
C LEU C 170 15.32 -32.27 -11.07
N LEU C 171 14.19 -32.69 -10.49
CA LEU C 171 13.69 -34.05 -10.68
C LEU C 171 12.32 -33.95 -11.33
N GLY C 172 11.64 -32.84 -11.09
CA GLY C 172 10.33 -32.64 -11.66
C GLY C 172 9.86 -31.22 -11.45
N ARG C 173 8.97 -30.73 -12.30
CA ARG C 173 8.47 -29.38 -12.16
C ARG C 173 7.06 -29.16 -12.69
N ASP C 174 6.33 -28.28 -12.01
CA ASP C 174 4.99 -27.94 -12.41
C ASP C 174 4.75 -26.49 -11.96
N SER C 175 3.65 -25.90 -12.41
CA SER C 175 3.36 -24.54 -12.03
C SER C 175 1.92 -24.23 -12.30
N PHE C 176 1.49 -23.10 -11.74
CA PHE C 176 0.12 -22.64 -11.91
C PHE C 176 0.17 -21.14 -11.72
N GLU C 177 -0.79 -20.44 -12.29
CA GLU C 177 -0.85 -19.01 -12.16
C GLU C 177 -1.61 -18.74 -10.86
N VAL C 178 -1.35 -17.62 -10.23
CA VAL C 178 -2.06 -17.31 -9.01
C VAL C 178 -2.45 -15.84 -8.90
N ARG C 179 -3.61 -15.61 -8.29
CA ARG C 179 -4.11 -14.28 -8.05
C ARG C 179 -4.53 -14.25 -6.59
N VAL C 180 -3.86 -13.42 -5.81
CA VAL C 180 -4.21 -13.28 -4.42
C VAL C 180 -5.06 -12.01 -4.43
N CYS C 181 -6.30 -12.14 -3.97
CA CYS C 181 -7.23 -11.02 -3.98
C CYS C 181 -8.29 -11.16 -2.88
N ALA C 182 -9.12 -10.13 -2.73
CA ALA C 182 -10.16 -10.13 -1.70
C ALA C 182 -11.33 -11.06 -1.98
N CYS C 183 -11.80 -11.09 -3.23
CA CYS C 183 -12.91 -11.96 -3.65
C CYS C 183 -12.49 -13.04 -4.67
N PRO C 184 -11.89 -14.15 -4.21
CA PRO C 184 -11.48 -15.20 -5.15
C PRO C 184 -12.59 -15.68 -6.09
N GLY C 185 -13.74 -16.03 -5.51
CA GLY C 185 -14.87 -16.52 -6.29
C GLY C 185 -15.36 -15.57 -7.36
N ARG C 186 -15.40 -14.28 -7.04
CA ARG C 186 -15.84 -13.27 -7.99
C ARG C 186 -14.88 -13.11 -9.16
N ASP C 187 -13.59 -13.00 -8.84
CA ASP C 187 -12.55 -12.78 -9.84
C ASP C 187 -12.34 -14.00 -10.74
N ARG C 188 -12.44 -15.18 -10.15
CA ARG C 188 -12.29 -16.40 -10.94
C ARG C 188 -13.35 -16.38 -12.04
N ARG C 189 -14.61 -16.16 -11.65
CA ARG C 189 -15.72 -16.12 -12.60
C ARG C 189 -15.48 -15.07 -13.65
N THR C 190 -15.01 -13.90 -13.23
CA THR C 190 -14.75 -12.82 -14.16
C THR C 190 -13.69 -13.21 -15.19
N GLU C 191 -12.62 -13.84 -14.72
CA GLU C 191 -11.54 -14.25 -15.62
C GLU C 191 -11.89 -15.43 -16.52
N GLU C 192 -12.80 -16.29 -16.06
CA GLU C 192 -13.19 -17.43 -16.86
C GLU C 192 -14.13 -17.02 -17.99
N GLU C 193 -15.01 -16.05 -17.75
CA GLU C 193 -15.91 -15.61 -18.81
C GLU C 193 -15.21 -14.67 -19.79
N ASN C 194 -14.13 -14.04 -19.34
CA ASN C 194 -13.36 -13.14 -20.18
C ASN C 194 -12.33 -13.94 -20.98
N PHE C 195 -12.16 -15.20 -20.62
CA PHE C 195 -11.23 -16.11 -21.27
C PHE C 195 -11.59 -16.43 -22.72
N ARG C 196 -10.59 -16.37 -23.60
CA ARG C 196 -10.76 -16.69 -25.01
C ARG C 196 -9.68 -17.71 -25.36
N LYS C 197 -10.11 -18.81 -25.98
CA LYS C 197 -9.18 -19.89 -26.34
C LYS C 197 -8.66 -19.83 -27.77
N LYS C 198 -7.83 -20.82 -28.10
CA LYS C 198 -7.18 -21.00 -29.41
C LYS C 198 -5.76 -21.53 -29.19
N GLN D 6 -7.82 23.86 19.91
CA GLN D 6 -8.53 22.70 19.29
C GLN D 6 -9.79 23.13 18.58
N LYS D 7 -9.81 24.38 18.16
CA LYS D 7 -10.97 24.92 17.46
C LYS D 7 -10.49 26.07 16.62
N THR D 8 -11.12 26.21 15.46
CA THR D 8 -10.80 27.30 14.58
C THR D 8 -11.06 28.57 15.38
N TYR D 9 -10.29 29.60 15.11
CA TYR D 9 -10.45 30.86 15.81
C TYR D 9 -9.51 31.90 15.22
N GLN D 10 -10.08 33.05 14.88
CA GLN D 10 -9.36 34.15 14.25
C GLN D 10 -8.30 34.86 15.10
N GLY D 11 -8.59 35.11 16.37
CA GLY D 11 -7.61 35.78 17.21
C GLY D 11 -7.52 37.29 17.06
N ASN D 12 -6.41 37.86 17.52
CA ASN D 12 -6.18 39.30 17.48
C ASN D 12 -5.85 39.83 16.07
N TYR D 13 -5.82 38.93 15.08
CA TYR D 13 -5.49 39.35 13.72
C TYR D 13 -6.49 38.91 12.65
N GLY D 14 -7.64 38.39 13.10
CA GLY D 14 -8.67 37.94 12.17
C GLY D 14 -8.17 36.89 11.21
N PHE D 15 -7.41 35.93 11.73
CA PHE D 15 -6.82 34.87 10.93
C PHE D 15 -7.78 33.78 10.47
N HIS D 16 -8.02 33.72 9.16
CA HIS D 16 -8.87 32.69 8.57
C HIS D 16 -8.33 32.29 7.19
N LEU D 17 -8.81 31.19 6.65
CA LEU D 17 -8.35 30.71 5.36
C LEU D 17 -9.34 30.92 4.22
N GLY D 18 -8.81 31.00 3.02
CA GLY D 18 -9.65 31.17 1.85
C GLY D 18 -9.07 30.29 0.78
N PHE D 19 -9.83 29.99 -0.27
CA PHE D 19 -9.33 29.14 -1.34
C PHE D 19 -9.71 29.67 -2.73
N LEU D 20 -8.71 29.82 -3.60
CA LEU D 20 -8.95 30.25 -4.98
C LEU D 20 -10.05 29.30 -5.39
N GLN D 21 -11.12 29.78 -6.02
CA GLN D 21 -12.17 28.83 -6.31
C GLN D 21 -12.24 28.03 -7.61
N SER D 22 -12.16 26.73 -7.36
CA SER D 22 -12.22 25.64 -8.32
C SER D 22 -12.93 25.93 -9.64
N VAL D 28 -10.32 17.84 -11.50
CA VAL D 28 -10.02 19.27 -11.52
C VAL D 28 -8.63 19.47 -10.90
N MET D 29 -8.11 18.41 -10.30
CA MET D 29 -6.81 18.40 -9.64
C MET D 29 -6.89 18.97 -8.22
N CYS D 30 -7.37 20.19 -8.10
CA CYS D 30 -7.50 20.82 -6.80
C CYS D 30 -8.81 21.58 -6.81
N THR D 31 -9.66 21.32 -5.82
CA THR D 31 -10.95 21.99 -5.73
C THR D 31 -11.47 21.99 -4.29
N TYR D 32 -11.97 23.14 -3.85
CA TYR D 32 -12.47 23.28 -2.49
C TYR D 32 -14.01 23.36 -2.47
N SER D 33 -14.61 22.85 -1.41
CA SER D 33 -16.05 22.86 -1.23
C SER D 33 -16.40 23.63 0.05
N PRO D 34 -16.88 24.88 -0.07
CA PRO D 34 -17.22 25.69 1.10
C PRO D 34 -18.24 25.07 2.06
N PRO D 35 -19.36 24.53 1.54
CA PRO D 35 -20.38 23.93 2.42
C PRO D 35 -19.81 22.77 3.25
N LEU D 36 -18.83 22.08 2.67
CA LEU D 36 -18.14 20.97 3.31
C LEU D 36 -16.86 21.41 4.02
N ASN D 37 -16.36 22.58 3.63
CA ASN D 37 -15.09 23.14 4.14
C ASN D 37 -14.06 22.05 3.93
N LYS D 38 -14.08 21.49 2.73
CA LYS D 38 -13.19 20.41 2.40
C LYS D 38 -12.47 20.60 1.10
N LEU D 39 -11.17 20.29 1.12
CA LEU D 39 -10.32 20.40 -0.05
C LEU D 39 -10.21 19.01 -0.70
N PHE D 40 -10.45 18.94 -2.02
CA PHE D 40 -10.36 17.70 -2.80
C PHE D 40 -9.23 17.94 -3.78
N CYS D 41 -8.14 17.18 -3.63
CA CYS D 41 -6.99 17.35 -4.49
C CYS D 41 -6.33 16.05 -4.90
N GLN D 42 -5.44 16.15 -5.87
CA GLN D 42 -4.72 14.99 -6.37
C GLN D 42 -3.36 14.86 -5.67
N LEU D 43 -2.80 13.66 -5.71
CA LEU D 43 -1.52 13.39 -5.08
C LEU D 43 -0.38 14.20 -5.69
N ALA D 44 0.38 14.88 -4.84
CA ALA D 44 1.52 15.69 -5.25
C ALA D 44 1.22 16.95 -6.05
N LYS D 45 -0.06 17.35 -6.11
CA LYS D 45 -0.44 18.56 -6.83
C LYS D 45 -0.52 19.72 -5.88
N THR D 46 -0.02 20.87 -6.32
CA THR D 46 0.01 22.08 -5.53
C THR D 46 -1.37 22.69 -5.27
N CYS D 47 -1.67 22.95 -4.00
CA CYS D 47 -2.94 23.53 -3.59
C CYS D 47 -2.66 24.87 -2.94
N PRO D 48 -3.13 25.94 -3.56
CA PRO D 48 -2.88 27.23 -2.94
C PRO D 48 -3.98 27.56 -1.94
N VAL D 49 -3.59 27.86 -0.71
CA VAL D 49 -4.55 28.23 0.33
C VAL D 49 -4.19 29.67 0.64
N GLN D 50 -5.19 30.52 0.87
CA GLN D 50 -4.92 31.92 1.17
C GLN D 50 -4.98 32.23 2.65
N LEU D 51 -4.03 33.04 3.10
CA LEU D 51 -3.96 33.45 4.49
C LEU D 51 -4.49 34.87 4.60
N TRP D 52 -5.59 35.04 5.34
CA TRP D 52 -6.22 36.33 5.55
C TRP D 52 -6.00 36.83 6.97
N VAL D 53 -5.89 38.15 7.10
CA VAL D 53 -5.70 38.81 8.39
C VAL D 53 -6.42 40.15 8.36
N SER D 54 -6.88 40.59 9.52
CA SER D 54 -7.57 41.88 9.63
C SER D 54 -6.51 42.98 9.78
N ALA D 55 -5.39 42.61 10.41
CA ALA D 55 -4.27 43.51 10.63
C ALA D 55 -3.00 42.68 10.65
N THR D 56 -1.98 43.17 9.97
CA THR D 56 -0.69 42.49 9.88
C THR D 56 -0.18 42.05 11.25
N PRO D 57 0.35 40.81 11.35
CA PRO D 57 0.86 40.27 12.62
C PRO D 57 2.33 40.67 12.78
N PRO D 58 2.87 40.55 14.00
CA PRO D 58 4.28 40.91 14.21
C PRO D 58 5.25 40.18 13.29
N ALA D 59 6.49 40.63 13.28
CA ALA D 59 7.52 40.01 12.47
C ALA D 59 7.94 38.78 13.29
N GLY D 60 8.43 37.76 12.61
CA GLY D 60 8.84 36.56 13.31
C GLY D 60 7.68 35.61 13.40
N SER D 61 6.50 36.06 12.98
CA SER D 61 5.31 35.22 12.99
C SER D 61 5.49 34.11 11.97
N ARG D 62 5.00 32.91 12.30
CA ARG D 62 5.13 31.80 11.39
C ARG D 62 3.81 31.07 11.15
N VAL D 63 3.78 30.28 10.10
CA VAL D 63 2.58 29.52 9.73
C VAL D 63 2.93 28.05 9.72
N ARG D 64 2.22 27.27 10.53
CA ARG D 64 2.45 25.83 10.60
C ARG D 64 1.26 25.08 10.00
N ALA D 65 1.53 23.94 9.36
CA ALA D 65 0.48 23.12 8.77
C ALA D 65 0.63 21.75 9.40
N MET D 66 -0.49 21.15 9.80
CA MET D 66 -0.47 19.84 10.43
C MET D 66 -1.73 19.07 10.12
N ALA D 67 -1.56 17.77 9.85
CA ALA D 67 -2.70 16.93 9.55
C ALA D 67 -3.00 16.03 10.74
N ILE D 68 -4.27 15.71 10.93
CA ILE D 68 -4.73 14.84 12.01
C ILE D 68 -5.98 14.15 11.49
N TYR D 69 -6.27 12.95 12.00
CA TYR D 69 -7.47 12.27 11.56
C TYR D 69 -8.69 12.97 12.13
N LYS D 70 -9.74 13.06 11.33
CA LYS D 70 -10.99 13.70 11.72
C LYS D 70 -11.77 12.94 12.79
N LYS D 71 -11.92 11.64 12.59
CA LYS D 71 -12.65 10.77 13.51
C LYS D 71 -11.93 10.58 14.84
N SER D 72 -12.71 10.66 15.92
CA SER D 72 -12.23 10.51 17.29
C SER D 72 -11.39 9.26 17.57
N GLN D 73 -11.86 8.11 17.08
CA GLN D 73 -11.14 6.86 17.31
C GLN D 73 -9.84 6.73 16.52
N HIS D 74 -9.43 7.83 15.87
CA HIS D 74 -8.20 7.83 15.08
C HIS D 74 -7.35 9.05 15.45
N MET D 75 -7.97 10.00 16.14
CA MET D 75 -7.32 11.22 16.57
C MET D 75 -5.93 11.01 17.16
N THR D 76 -5.74 9.93 17.90
CA THR D 76 -4.44 9.65 18.51
C THR D 76 -3.35 9.07 17.59
N GLU D 77 -3.74 8.67 16.37
CA GLU D 77 -2.77 8.12 15.43
C GLU D 77 -2.14 9.18 14.55
N VAL D 78 -0.81 9.14 14.45
CA VAL D 78 -0.09 10.09 13.63
C VAL D 78 -0.35 9.91 12.14
N VAL D 79 -0.62 11.02 11.44
CA VAL D 79 -0.86 10.99 10.01
C VAL D 79 0.49 11.05 9.29
N ARG D 80 0.80 10.01 8.52
CA ARG D 80 2.07 9.95 7.81
C ARG D 80 1.88 9.22 6.48
N ARG D 81 2.91 9.24 5.64
CA ARG D 81 2.84 8.57 4.34
C ARG D 81 2.86 7.07 4.49
N CYS D 82 2.24 6.37 3.55
CA CYS D 82 2.20 4.93 3.57
C CYS D 82 3.61 4.45 3.22
N PRO D 83 3.94 3.20 3.59
CA PRO D 83 5.28 2.64 3.31
C PRO D 83 5.67 2.68 1.84
N HIS D 84 4.73 2.40 0.94
CA HIS D 84 5.04 2.42 -0.48
C HIS D 84 5.55 3.80 -0.92
N HIS D 85 4.79 4.83 -0.62
CA HIS D 85 5.16 6.19 -1.03
C HIS D 85 6.32 6.76 -0.24
N GLU D 86 6.50 6.30 0.98
CA GLU D 86 7.60 6.78 1.80
C GLU D 86 8.91 6.31 1.19
N ARG D 87 8.84 5.21 0.43
CA ARG D 87 10.01 4.63 -0.22
C ARG D 87 10.02 4.83 -1.73
N CYS D 88 9.02 5.49 -2.29
CA CYS D 88 8.97 5.68 -3.74
C CYS D 88 9.84 6.79 -4.34
N SER D 89 10.93 7.14 -3.66
CA SER D 89 11.86 8.17 -4.15
C SER D 89 11.24 9.29 -4.98
N ASP D 90 10.55 10.18 -4.29
CA ASP D 90 9.94 11.34 -4.94
C ASP D 90 10.37 12.52 -4.08
N GLY D 91 11.41 12.28 -3.28
CA GLY D 91 11.94 13.30 -2.40
C GLY D 91 12.26 14.58 -3.14
N ASP D 92 12.36 15.67 -2.38
CA ASP D 92 12.66 16.97 -2.96
C ASP D 92 13.96 17.47 -2.31
N GLY D 93 14.59 16.59 -1.53
CA GLY D 93 15.83 16.94 -0.88
C GLY D 93 15.68 17.66 0.45
N LEU D 94 14.45 17.92 0.89
CA LEU D 94 14.26 18.61 2.17
C LEU D 94 13.24 17.94 3.09
N ALA D 95 12.03 17.73 2.57
CA ALA D 95 10.96 17.12 3.33
C ALA D 95 11.28 15.69 3.70
N PRO D 96 11.14 15.33 4.98
CA PRO D 96 11.44 13.94 5.35
C PRO D 96 10.48 13.08 4.53
N PRO D 97 10.92 11.88 4.13
CA PRO D 97 10.11 10.95 3.34
C PRO D 97 8.77 10.48 3.91
N GLN D 98 8.61 10.53 5.23
CA GLN D 98 7.36 10.11 5.85
C GLN D 98 6.32 11.21 6.04
N HIS D 99 6.69 12.45 5.72
CA HIS D 99 5.79 13.59 5.85
C HIS D 99 4.77 13.64 4.72
N LEU D 100 3.50 13.80 5.09
CA LEU D 100 2.39 13.87 4.14
C LEU D 100 2.31 15.21 3.41
N ILE D 101 2.42 16.28 4.19
CA ILE D 101 2.32 17.63 3.66
C ILE D 101 3.68 18.28 3.39
N ARG D 102 3.81 18.84 2.19
CA ARG D 102 5.02 19.53 1.79
C ARG D 102 4.63 20.93 1.31
N VAL D 103 5.57 21.87 1.42
CA VAL D 103 5.33 23.24 0.99
C VAL D 103 6.07 23.47 -0.32
N GLU D 104 5.38 24.11 -1.25
CA GLU D 104 5.95 24.40 -2.55
C GLU D 104 6.17 25.88 -2.74
N GLY D 105 7.18 26.22 -3.54
CA GLY D 105 7.44 27.61 -3.83
C GLY D 105 7.75 28.53 -2.66
N ASN D 106 8.37 28.00 -1.62
CA ASN D 106 8.76 28.82 -0.49
C ASN D 106 10.21 28.46 -0.24
N LEU D 107 11.05 29.46 -0.08
CA LEU D 107 12.47 29.22 0.12
C LEU D 107 12.89 28.48 1.39
N TYR D 108 12.24 28.72 2.53
CA TYR D 108 12.67 28.03 3.74
C TYR D 108 11.62 27.38 4.64
N PRO D 109 11.00 26.28 4.18
CA PRO D 109 10.00 25.58 4.98
C PRO D 109 10.76 24.75 6.01
N GLU D 110 10.15 24.52 7.16
CA GLU D 110 10.81 23.76 8.21
C GLU D 110 9.91 22.58 8.58
N TYR D 111 10.41 21.37 8.32
CA TYR D 111 9.69 20.15 8.63
C TYR D 111 10.08 19.65 9.99
N LEU D 112 9.11 19.67 10.90
CA LEU D 112 9.33 19.27 12.28
C LEU D 112 8.58 18.00 12.63
N GLU D 113 9.00 17.37 13.72
CA GLU D 113 8.33 16.20 14.22
C GLU D 113 8.32 16.36 15.74
N ASP D 114 7.14 16.57 16.32
CA ASP D 114 7.04 16.74 17.77
C ASP D 114 7.52 15.44 18.43
N ARG D 115 8.58 15.54 19.23
CA ARG D 115 9.16 14.37 19.90
C ARG D 115 8.30 13.81 21.03
N GLN D 116 7.18 14.45 21.30
CA GLN D 116 6.25 14.02 22.33
C GLN D 116 5.02 13.32 21.71
N THR D 117 4.44 13.94 20.67
CA THR D 117 3.27 13.39 19.99
C THR D 117 3.65 12.65 18.71
N PHE D 118 4.86 12.89 18.22
CA PHE D 118 5.37 12.25 17.02
C PHE D 118 4.71 12.78 15.76
N ARG D 119 3.94 13.85 15.91
CA ARG D 119 3.25 14.48 14.80
C ARG D 119 4.15 15.33 13.93
N HIS D 120 3.86 15.29 12.63
CA HIS D 120 4.62 16.03 11.64
C HIS D 120 3.93 17.36 11.40
N SER D 121 4.72 18.34 10.98
CA SER D 121 4.20 19.65 10.66
C SER D 121 5.27 20.29 9.82
N VAL D 122 4.88 21.31 9.06
CA VAL D 122 5.81 22.04 8.23
C VAL D 122 5.49 23.49 8.54
N VAL D 123 6.47 24.22 9.05
CA VAL D 123 6.26 25.62 9.38
C VAL D 123 6.97 26.52 8.39
N VAL D 124 6.29 27.59 8.00
CA VAL D 124 6.86 28.53 7.05
C VAL D 124 6.67 29.93 7.64
N PRO D 125 7.66 30.83 7.44
CA PRO D 125 7.54 32.19 7.98
C PRO D 125 6.37 32.94 7.34
N TYR D 126 5.69 33.76 8.14
CA TYR D 126 4.55 34.54 7.66
C TYR D 126 4.98 35.73 6.81
N GLU D 127 4.42 35.84 5.62
CA GLU D 127 4.71 36.92 4.69
C GLU D 127 3.46 37.70 4.34
N PRO D 128 3.48 39.03 4.56
CA PRO D 128 2.35 39.92 4.27
C PRO D 128 1.96 39.87 2.80
N PRO D 129 0.66 40.07 2.49
CA PRO D 129 0.18 40.04 1.11
C PRO D 129 1.08 40.85 0.18
N GLU D 130 1.04 40.54 -1.11
CA GLU D 130 1.86 41.28 -2.06
C GLU D 130 1.17 42.63 -2.31
N ALA D 131 1.73 43.45 -3.19
CA ALA D 131 1.13 44.75 -3.50
C ALA D 131 -0.19 44.58 -4.25
N GLY D 132 -1.25 45.23 -3.75
CA GLY D 132 -2.55 45.13 -4.39
C GLY D 132 -3.34 43.87 -4.09
N SER D 133 -2.92 43.11 -3.08
CA SER D 133 -3.61 41.88 -2.68
C SER D 133 -4.00 41.95 -1.20
N GLU D 134 -5.07 41.25 -0.84
CA GLU D 134 -5.57 41.26 0.53
C GLU D 134 -5.14 40.04 1.33
N TYR D 135 -4.59 39.05 0.64
CA TYR D 135 -4.18 37.81 1.27
C TYR D 135 -2.83 37.31 0.74
N THR D 136 -2.19 36.45 1.51
CA THR D 136 -0.92 35.87 1.11
C THR D 136 -1.22 34.39 0.78
N THR D 137 -0.60 33.87 -0.28
CA THR D 137 -0.84 32.49 -0.67
C THR D 137 0.32 31.54 -0.44
N ILE D 138 0.04 30.43 0.22
CA ILE D 138 1.06 29.40 0.49
C ILE D 138 0.64 28.12 -0.24
N HIS D 139 1.57 27.51 -0.97
CA HIS D 139 1.27 26.29 -1.71
C HIS D 139 1.69 25.01 -1.00
N TYR D 140 0.71 24.17 -0.69
CA TYR D 140 0.95 22.88 -0.04
C TYR D 140 0.62 21.80 -1.05
N LYS D 141 0.99 20.58 -0.72
CA LYS D 141 0.67 19.43 -1.56
C LYS D 141 0.76 18.21 -0.67
N TYR D 142 -0.11 17.24 -0.94
CA TYR D 142 -0.17 16.02 -0.15
C TYR D 142 0.44 14.85 -0.90
N MET D 143 1.36 14.17 -0.22
CA MET D 143 2.10 13.08 -0.83
C MET D 143 1.54 11.67 -0.71
N CYS D 144 0.25 11.58 -0.44
CA CYS D 144 -0.43 10.30 -0.31
C CYS D 144 -1.91 10.48 -0.61
N ASN D 145 -2.57 9.41 -1.06
CA ASN D 145 -4.00 9.45 -1.33
C ASN D 145 -4.65 9.11 -0.01
N SER D 146 -5.85 9.60 0.24
CA SER D 146 -6.51 9.28 1.49
C SER D 146 -6.69 7.76 1.60
N SER D 147 -6.76 7.11 0.45
CA SER D 147 -6.96 5.65 0.40
C SER D 147 -5.72 4.78 0.59
N CYS D 148 -4.53 5.37 0.60
CA CYS D 148 -3.31 4.60 0.74
C CYS D 148 -3.33 3.55 1.84
N MET D 149 -3.14 2.30 1.47
CA MET D 149 -3.12 1.23 2.46
C MET D 149 -1.80 1.38 3.21
N GLY D 150 -1.87 1.29 4.54
CA GLY D 150 -0.68 1.45 5.34
C GLY D 150 -0.49 2.89 5.72
N GLY D 151 -1.31 3.76 5.14
CA GLY D 151 -1.24 5.19 5.44
C GLY D 151 -2.56 5.66 6.03
N MET D 152 -3.13 6.73 5.49
CA MET D 152 -4.40 7.25 5.99
C MET D 152 -5.49 6.19 5.85
N ASN D 153 -5.23 5.23 4.95
CA ASN D 153 -6.13 4.11 4.75
C ASN D 153 -7.63 4.42 4.69
N ARG D 154 -7.98 5.40 3.86
CA ARG D 154 -9.38 5.82 3.67
C ARG D 154 -9.98 6.65 4.80
N ARG D 155 -9.15 6.98 5.78
CA ARG D 155 -9.60 7.79 6.90
C ARG D 155 -9.43 9.27 6.54
N PRO D 156 -10.50 10.06 6.70
CA PRO D 156 -10.42 11.48 6.36
C PRO D 156 -9.58 12.26 7.37
N ILE D 157 -8.82 13.25 6.89
CA ILE D 157 -8.01 14.03 7.79
C ILE D 157 -8.44 15.49 7.71
N LEU D 158 -7.95 16.24 8.68
CA LEU D 158 -8.17 17.67 8.78
C LEU D 158 -6.78 18.28 8.71
N THR D 159 -6.65 19.39 7.99
CA THR D 159 -5.36 20.06 7.95
C THR D 159 -5.51 21.27 8.85
N ILE D 160 -4.59 21.42 9.79
CA ILE D 160 -4.64 22.54 10.72
C ILE D 160 -3.53 23.56 10.47
N ILE D 161 -3.95 24.75 10.04
CA ILE D 161 -3.02 25.84 9.79
C ILE D 161 -3.05 26.78 10.98
N THR D 162 -1.90 26.98 11.64
CA THR D 162 -1.84 27.86 12.80
C THR D 162 -0.88 29.04 12.59
N LEU D 163 -1.31 30.22 13.03
CA LEU D 163 -0.47 31.41 12.95
C LEU D 163 0.10 31.57 14.35
N GLU D 164 1.43 31.49 14.47
CA GLU D 164 2.11 31.61 15.76
C GLU D 164 3.27 32.58 15.62
N ASP D 165 3.65 33.22 16.72
CA ASP D 165 4.77 34.15 16.66
C ASP D 165 6.11 33.43 16.81
N SER D 166 7.19 34.21 16.76
CA SER D 166 8.56 33.70 16.85
C SER D 166 8.80 32.83 18.08
N SER D 167 7.96 32.98 19.09
CA SER D 167 8.12 32.19 20.31
C SER D 167 7.23 30.94 20.28
N GLY D 168 6.50 30.76 19.19
CA GLY D 168 5.62 29.60 19.07
C GLY D 168 4.24 29.77 19.65
N ASN D 169 3.94 30.96 20.17
CA ASN D 169 2.62 31.22 20.75
C ASN D 169 1.55 31.34 19.68
N LEU D 170 0.39 30.76 19.97
CA LEU D 170 -0.71 30.79 19.02
C LEU D 170 -1.36 32.16 18.93
N LEU D 171 -1.51 32.65 17.70
CA LEU D 171 -2.11 33.96 17.43
C LEU D 171 -3.44 33.78 16.68
N GLY D 172 -3.72 32.57 16.26
CA GLY D 172 -4.94 32.27 15.54
C GLY D 172 -4.85 30.88 14.96
N ARG D 173 -5.97 30.34 14.50
CA ARG D 173 -5.99 28.99 13.94
C ARG D 173 -7.16 28.83 12.99
N ASP D 174 -7.04 27.86 12.10
CA ASP D 174 -8.09 27.58 11.14
C ASP D 174 -7.91 26.12 10.78
N SER D 175 -8.83 25.56 10.00
CA SER D 175 -8.70 24.17 9.61
C SER D 175 -9.70 23.83 8.52
N PHE D 176 -9.37 22.79 7.76
CA PHE D 176 -10.25 22.32 6.71
C PHE D 176 -10.07 20.83 6.53
N GLU D 177 -11.08 20.18 5.97
CA GLU D 177 -10.98 18.76 5.74
C GLU D 177 -10.27 18.58 4.40
N VAL D 178 -9.64 17.43 4.21
CA VAL D 178 -8.96 17.18 2.95
C VAL D 178 -9.04 15.71 2.55
N ARG D 179 -9.25 15.51 1.25
CA ARG D 179 -9.35 14.19 0.66
C ARG D 179 -8.45 14.23 -0.54
N VAL D 180 -7.32 13.53 -0.47
CA VAL D 180 -6.38 13.45 -1.58
C VAL D 180 -6.82 12.24 -2.37
N CYS D 181 -7.24 12.45 -3.62
CA CYS D 181 -7.73 11.35 -4.45
C CYS D 181 -7.45 11.50 -5.94
N ALA D 182 -7.74 10.43 -6.67
CA ALA D 182 -7.52 10.38 -8.10
C ALA D 182 -8.43 11.30 -8.90
N CYS D 183 -9.71 11.30 -8.57
CA CYS D 183 -10.70 12.14 -9.27
C CYS D 183 -11.42 13.09 -8.31
N PRO D 184 -10.78 14.23 -7.99
CA PRO D 184 -11.31 15.27 -7.09
C PRO D 184 -12.73 15.76 -7.45
N GLY D 185 -12.97 16.01 -8.74
CA GLY D 185 -14.27 16.47 -9.19
C GLY D 185 -15.37 15.45 -8.96
N ARG D 186 -15.09 14.20 -9.29
CA ARG D 186 -16.05 13.12 -9.11
C ARG D 186 -16.42 12.93 -7.65
N ASP D 187 -15.42 12.88 -6.79
CA ASP D 187 -15.62 12.66 -5.37
C ASP D 187 -16.20 13.86 -4.63
N ARG D 188 -15.87 15.07 -5.07
CA ARG D 188 -16.43 16.26 -4.43
C ARG D 188 -17.95 16.28 -4.65
N ARG D 189 -18.34 15.99 -5.88
CA ARG D 189 -19.74 15.97 -6.26
C ARG D 189 -20.49 14.93 -5.43
N THR D 190 -19.93 13.74 -5.37
CA THR D 190 -20.52 12.63 -4.62
C THR D 190 -20.69 12.99 -3.15
N GLU D 191 -19.65 13.56 -2.55
CA GLU D 191 -19.73 13.92 -1.15
C GLU D 191 -20.69 15.06 -0.92
N GLU D 192 -20.77 15.99 -1.87
CA GLU D 192 -21.69 17.12 -1.73
C GLU D 192 -23.12 16.64 -1.91
N GLU D 193 -23.30 15.63 -2.75
CA GLU D 193 -24.62 15.05 -3.02
C GLU D 193 -25.10 14.33 -1.76
N ASN D 194 -24.21 13.55 -1.17
CA ASN D 194 -24.48 12.77 0.04
C ASN D 194 -24.68 13.65 1.27
N PHE D 195 -24.00 14.78 1.26
CA PHE D 195 -24.08 15.76 2.35
C PHE D 195 -25.46 16.40 2.39
N ARG D 196 -25.99 16.70 1.19
CA ARG D 196 -27.30 17.32 1.03
C ARG D 196 -28.34 16.47 1.77
N LYS D 197 -28.02 15.20 1.95
CA LYS D 197 -28.90 14.27 2.66
C LYS D 197 -28.65 14.48 4.15
N LYS D 198 -29.25 15.54 4.66
CA LYS D 198 -29.12 15.90 6.06
C LYS D 198 -30.55 15.93 6.62
N GLU D 199 -31.39 15.04 6.11
CA GLU D 199 -32.78 14.89 6.52
C GLU D 199 -33.18 13.42 6.55
ZN ZN E . 1.13 -6.22 0.25
C TRS F . -0.95 -29.17 -14.47
C1 TRS F . -0.12 -27.99 -15.09
C2 TRS F . -1.02 -30.26 -15.50
C3 TRS F . -2.34 -28.70 -13.98
N TRS F . -0.24 -29.56 -13.18
O1 TRS F . 1.11 -28.53 -15.52
O2 TRS F . -1.77 -31.39 -15.09
O3 TRS F . -3.04 -29.85 -13.50
ZN ZN G . 0.60 6.49 -0.06
C TRS H . -13.13 28.84 8.02
C1 TRS H . -12.97 27.64 8.93
C2 TRS H . -13.44 30.18 8.80
C3 TRS H . -14.33 28.60 7.11
N TRS H . -11.87 29.06 7.32
O1 TRS H . -11.81 27.74 9.80
O2 TRS H . -13.73 31.32 7.89
O3 TRS H . -14.51 29.71 6.22
#